data_6XQH
#
_entry.id   6XQH
#
_cell.length_a   38.729
_cell.length_b   49.745
_cell.length_c   115.261
_cell.angle_alpha   90.000
_cell.angle_beta   90.000
_cell.angle_gamma   90.000
#
_symmetry.space_group_name_H-M   'P 21 21 21'
#
loop_
_entity.id
_entity.type
_entity.pdbx_description
1 polymer 'GH16 family protein'
2 branched beta-D-glucopyranose-(1-4)-beta-D-glucopyranose-(1-3)-alpha-D-glucopyranose
3 branched beta-D-glucopyranose-(1-4)-beta-D-glucopyranose
4 non-polymer 'CALCIUM ION'
5 water water
#
_entity_poly.entity_id   1
_entity_poly.type   'polypeptide(L)'
_entity_poly.pdbx_seq_one_letter_code
;GSHMQQPEGVTAPGNEPMAIPSDYKLVWADEFNTPGAPDAKKWRYDTSRNKEGWYNNELQYYAAGRPENVRVENGNLVIE
TRKERLTSMADYGGQEYSSGKLFTQGLADWQYGYVEVRAKLACGKGMWPAIWMMASDGSTGWPALGSIDIMEMVAWDPTT
IHGTIHTKAYNHVIHTQKGSRTTAADPCGQFHTYSLDWTKDRMLIGVDGHAYMRFDNDHKGNHDTWPFDSPQYLILNVAI
GGWGGQQGVDAAAFPSKMEVDYVRVYQKR
;
_entity_poly.pdbx_strand_id   A
#
# COMPACT_ATOMS: atom_id res chain seq x y z
N VAL A 10 -2.93 -5.47 -19.48
CA VAL A 10 -1.64 -5.23 -18.75
C VAL A 10 -0.87 -4.17 -19.55
N THR A 11 -0.67 -3.02 -18.94
CA THR A 11 -0.10 -1.84 -19.64
C THR A 11 1.34 -1.61 -19.24
N ALA A 12 1.84 -2.31 -18.22
CA ALA A 12 3.25 -2.19 -17.76
C ALA A 12 3.77 -3.61 -17.50
N PRO A 13 3.79 -4.47 -18.52
CA PRO A 13 4.20 -5.86 -18.27
C PRO A 13 5.69 -5.92 -17.93
N GLY A 14 6.01 -6.81 -17.01
CA GLY A 14 7.38 -7.17 -16.60
C GLY A 14 7.50 -8.68 -16.55
N ASN A 15 8.70 -9.16 -16.73
CA ASN A 15 8.97 -10.60 -16.64
C ASN A 15 10.47 -10.73 -16.47
N GLU A 16 10.93 -10.59 -15.24
CA GLU A 16 12.37 -10.67 -15.00
C GLU A 16 12.54 -10.88 -13.51
N PRO A 17 13.65 -11.49 -13.11
CA PRO A 17 13.87 -11.64 -11.68
C PRO A 17 14.12 -10.32 -10.96
N MET A 18 13.87 -10.29 -9.67
CA MET A 18 14.29 -9.15 -8.89
C MET A 18 14.72 -9.66 -7.54
N ALA A 19 15.70 -8.96 -6.99
CA ALA A 19 16.27 -9.35 -5.70
C ALA A 19 16.96 -8.14 -5.13
N ILE A 20 17.22 -8.16 -3.84
CA ILE A 20 17.92 -7.03 -3.21
C ILE A 20 19.26 -6.91 -3.91
N PRO A 21 19.57 -5.74 -4.49
CA PRO A 21 20.87 -5.66 -5.18
C PRO A 21 22.03 -5.87 -4.20
N SER A 22 23.06 -6.56 -4.66
CA SER A 22 24.24 -6.81 -3.82
C SER A 22 24.90 -5.50 -3.38
N ASP A 23 24.78 -4.40 -4.13
CA ASP A 23 25.50 -3.15 -3.81
C ASP A 23 24.59 -2.20 -3.03
N TYR A 24 23.47 -2.69 -2.51
CA TYR A 24 22.59 -1.88 -1.62
C TYR A 24 22.78 -2.32 -0.20
N LYS A 25 22.49 -1.38 0.69
CA LYS A 25 22.49 -1.60 2.15
C LYS A 25 21.06 -1.35 2.62
N LEU A 26 20.72 -1.94 3.75
CA LEU A 26 19.43 -1.70 4.42
C LEU A 26 19.48 -0.28 4.99
N VAL A 27 18.54 0.58 4.68
CA VAL A 27 18.60 1.97 5.20
C VAL A 27 17.42 2.19 6.14
N TRP A 28 16.41 1.34 6.10
CA TRP A 28 15.23 1.50 6.96
C TRP A 28 14.49 0.19 7.04
N ALA A 29 14.07 -0.15 8.24
CA ALA A 29 13.17 -1.28 8.37
C ALA A 29 12.20 -1.08 9.53
N ASP A 30 11.04 -1.66 9.39
CA ASP A 30 10.20 -1.97 10.53
C ASP A 30 10.04 -3.48 10.49
N GLU A 31 10.62 -4.10 11.46
CA GLU A 31 10.49 -5.56 11.61
C GLU A 31 9.25 -5.87 12.45
N PHE A 32 8.61 -4.87 13.05
CA PHE A 32 7.43 -5.11 13.91
C PHE A 32 7.82 -6.04 15.07
N ASN A 33 8.96 -5.73 15.65
CA ASN A 33 9.55 -6.50 16.76
C ASN A 33 8.85 -6.21 18.09
N THR A 34 8.18 -5.05 18.20
CA THR A 34 7.76 -4.58 19.53
C THR A 34 6.25 -4.62 19.62
N PRO A 35 5.69 -5.57 20.37
CA PRO A 35 4.23 -5.68 20.40
C PRO A 35 3.60 -4.42 20.96
N GLY A 36 2.38 -4.15 20.52
CA GLY A 36 1.57 -3.02 20.98
C GLY A 36 1.33 -2.12 19.84
N ALA A 37 1.32 -0.81 20.11
CA ALA A 37 1.14 0.19 19.06
C ALA A 37 2.31 0.14 18.07
N PRO A 38 2.04 0.48 16.81
CA PRO A 38 3.08 0.70 15.83
C PRO A 38 4.07 1.74 16.38
N ASP A 39 5.30 1.63 15.97
CA ASP A 39 6.38 2.55 16.41
C ASP A 39 6.07 3.92 15.81
N ALA A 40 5.75 4.86 16.67
CA ALA A 40 5.39 6.24 16.25
C ALA A 40 6.59 6.96 15.59
N LYS A 41 7.81 6.46 15.68
CA LYS A 41 8.93 7.07 14.97
C LYS A 41 9.01 6.53 13.56
N LYS A 42 8.18 5.53 13.24
CA LYS A 42 8.15 4.89 11.90
CA LYS A 42 8.17 4.91 11.88
C LYS A 42 6.83 5.16 11.17
N TRP A 43 5.73 5.27 11.89
CA TRP A 43 4.38 5.36 11.28
C TRP A 43 3.53 6.40 11.96
N ARG A 44 2.77 7.10 11.13
CA ARG A 44 1.68 7.98 11.53
C ARG A 44 0.38 7.45 10.94
N TYR A 45 -0.72 7.81 11.56
CA TYR A 45 -2.06 7.36 11.07
C TYR A 45 -2.62 8.44 10.14
N ASP A 46 -3.31 8.03 9.08
CA ASP A 46 -4.02 8.98 8.23
C ASP A 46 -5.51 8.99 8.67
N THR A 47 -6.01 10.11 9.19
CA THR A 47 -7.43 10.35 9.52
C THR A 47 -8.02 11.43 8.62
N SER A 48 -7.35 11.79 7.53
CA SER A 48 -7.63 13.05 6.86
C SER A 48 -9.07 13.09 6.31
N ARG A 49 -9.61 11.98 5.83
CA ARG A 49 -10.94 12.00 5.19
C ARG A 49 -11.96 11.13 5.93
N ASN A 50 -11.76 10.88 7.22
CA ASN A 50 -12.69 10.03 7.98
C ASN A 50 -14.09 10.64 7.96
N LYS A 51 -14.22 11.94 8.20
CA LYS A 51 -15.55 12.51 8.43
C LYS A 51 -16.23 12.62 7.07
N GLU A 52 -15.44 12.85 6.03
CA GLU A 52 -15.99 13.18 4.70
C GLU A 52 -16.30 11.93 3.92
N GLY A 53 -15.75 10.81 4.29
CA GLY A 53 -15.75 9.63 3.43
C GLY A 53 -14.47 9.61 2.60
N TRP A 54 -13.79 8.47 2.52
CA TRP A 54 -12.51 8.32 1.78
C TRP A 54 -12.79 8.39 0.28
N TYR A 55 -11.72 8.38 -0.49
CA TYR A 55 -11.78 8.35 -1.95
C TYR A 55 -12.18 6.96 -2.45
N ASN A 56 -12.33 6.86 -3.78
CA ASN A 56 -12.62 5.56 -4.44
C ASN A 56 -13.94 4.98 -3.95
N ASN A 57 -14.85 5.82 -3.46
CA ASN A 57 -16.14 5.36 -2.90
C ASN A 57 -15.91 4.36 -1.77
N GLU A 58 -14.82 4.53 -1.05
CA GLU A 58 -14.48 3.53 0.00
C GLU A 58 -15.45 3.64 1.19
N LEU A 59 -15.53 2.56 1.93
CA LEU A 59 -16.57 2.40 2.96
C LEU A 59 -15.98 2.34 4.36
N GLN A 60 -14.66 2.41 4.51
CA GLN A 60 -14.08 2.26 5.86
C GLN A 60 -13.87 3.61 6.54
N TYR A 61 -13.85 3.53 7.86
CA TYR A 61 -13.33 4.55 8.76
C TYR A 61 -11.94 4.12 9.17
N TYR A 62 -10.92 4.96 8.98
CA TYR A 62 -9.56 4.55 9.39
C TYR A 62 -9.33 5.02 10.82
N ALA A 63 -9.28 4.10 11.77
CA ALA A 63 -9.19 4.45 13.21
C ALA A 63 -7.71 4.60 13.58
N ALA A 64 -7.36 5.72 14.16
CA ALA A 64 -5.96 6.05 14.56
C ALA A 64 -5.77 5.60 16.00
N GLY A 65 -4.68 4.94 16.32
CA GLY A 65 -4.40 4.68 17.75
C GLY A 65 -5.35 3.68 18.35
N ARG A 66 -5.96 2.85 17.47
CA ARG A 66 -6.97 1.87 17.93
C ARG A 66 -6.54 0.42 17.71
N PRO A 67 -6.18 -0.29 18.82
CA PRO A 67 -5.52 -1.58 18.66
C PRO A 67 -6.37 -2.59 17.91
N GLU A 68 -7.68 -2.43 18.00
CA GLU A 68 -8.64 -3.31 17.30
C GLU A 68 -8.38 -3.21 15.80
N ASN A 69 -7.89 -2.09 15.28
CA ASN A 69 -7.67 -2.00 13.82
C ASN A 69 -6.20 -2.05 13.49
N VAL A 70 -5.31 -1.58 14.37
CA VAL A 70 -3.88 -1.54 14.04
C VAL A 70 -3.06 -1.88 15.28
N ARG A 71 -2.24 -2.92 15.20
CA ARG A 71 -1.53 -3.39 16.39
C ARG A 71 -0.36 -4.22 15.92
N VAL A 72 0.60 -4.41 16.80
CA VAL A 72 1.80 -5.24 16.52
C VAL A 72 1.70 -6.44 17.43
N GLU A 73 1.66 -7.62 16.83
CA GLU A 73 1.50 -8.88 17.57
C GLU A 73 2.42 -9.90 16.93
N ASN A 74 3.21 -10.60 17.73
CA ASN A 74 3.99 -11.79 17.34
C ASN A 74 4.83 -11.48 16.11
N GLY A 75 5.44 -10.31 16.08
CA GLY A 75 6.36 -9.98 15.01
C GLY A 75 5.70 -9.47 13.77
N ASN A 76 4.40 -9.23 13.78
CA ASN A 76 3.69 -8.71 12.61
C ASN A 76 2.92 -7.45 12.97
N LEU A 77 2.92 -6.53 12.04
CA LEU A 77 1.86 -5.53 12.05
C LEU A 77 0.57 -6.26 11.71
N VAL A 78 -0.50 -5.89 12.36
CA VAL A 78 -1.87 -6.31 12.03
C VAL A 78 -2.66 -5.09 11.68
N ILE A 79 -3.18 -5.09 10.47
CA ILE A 79 -4.24 -4.11 10.09
C ILE A 79 -5.50 -4.91 9.91
N GLU A 80 -6.50 -4.60 10.71
CA GLU A 80 -7.71 -5.45 10.77
C GLU A 80 -8.94 -4.60 10.43
N THR A 81 -9.73 -5.12 9.49
CA THR A 81 -11.04 -4.54 9.17
C THR A 81 -12.09 -5.14 10.10
N ARG A 82 -13.06 -4.32 10.47
CA ARG A 82 -14.15 -4.79 11.33
C ARG A 82 -15.45 -4.18 10.83
N LYS A 83 -16.53 -4.90 11.00
CA LYS A 83 -17.89 -4.36 10.75
CA LYS A 83 -17.87 -4.33 10.74
C LYS A 83 -18.38 -3.74 12.04
N GLU A 84 -18.37 -2.42 12.12
CA GLU A 84 -18.79 -1.70 13.33
C GLU A 84 -18.87 -0.24 12.98
N ARG A 85 -19.76 0.44 13.67
CA ARG A 85 -19.97 1.90 13.46
C ARG A 85 -19.30 2.64 14.63
N LEU A 86 -18.19 3.32 14.41
CA LEU A 86 -17.40 3.96 15.52
C LEU A 86 -17.95 5.36 15.75
N THR A 87 -19.21 5.39 16.16
CA THR A 87 -20.03 6.63 16.30
C THR A 87 -19.48 7.52 17.41
N SER A 88 -18.63 7.03 18.28
CA SER A 88 -18.11 7.86 19.40
CA SER A 88 -18.11 7.86 19.39
C SER A 88 -16.94 8.70 18.90
N MET A 89 -16.43 8.43 17.72
CA MET A 89 -15.22 9.15 17.19
CA MET A 89 -15.23 9.17 17.24
C MET A 89 -15.67 10.53 16.68
N ALA A 90 -14.94 11.58 17.03
CA ALA A 90 -15.29 12.95 16.66
C ALA A 90 -15.28 13.06 15.13
N ASP A 91 -14.43 12.27 14.46
CA ASP A 91 -14.28 12.34 13.01
C ASP A 91 -15.05 11.21 12.34
N TYR A 92 -15.97 10.59 13.06
CA TYR A 92 -16.76 9.52 12.42
C TYR A 92 -17.55 10.08 11.23
N GLY A 93 -17.59 9.31 10.13
CA GLY A 93 -18.26 9.72 8.89
C GLY A 93 -19.35 8.76 8.45
N GLY A 94 -19.99 8.05 9.38
CA GLY A 94 -21.21 7.25 9.07
C GLY A 94 -20.83 5.90 8.49
N GLN A 95 -19.57 5.52 8.58
CA GLN A 95 -19.09 4.27 7.95
C GLN A 95 -19.61 3.02 8.69
N GLU A 96 -19.73 1.94 7.94
CA GLU A 96 -20.18 0.66 8.53
C GLU A 96 -18.96 -0.16 8.96
N TYR A 97 -17.75 0.30 8.70
CA TYR A 97 -16.57 -0.54 8.92
C TYR A 97 -15.47 0.33 9.47
N SER A 98 -14.59 -0.29 10.22
CA SER A 98 -13.32 0.30 10.65
C SER A 98 -12.18 -0.45 10.01
N SER A 99 -11.07 0.26 9.85
CA SER A 99 -9.81 -0.32 9.38
C SER A 99 -8.68 0.58 9.81
N GLY A 100 -7.51 0.30 9.25
CA GLY A 100 -6.28 1.02 9.55
C GLY A 100 -5.62 1.53 8.32
N LYS A 101 -4.94 2.64 8.45
CA LYS A 101 -4.06 3.18 7.40
C LYS A 101 -2.90 3.89 8.10
N LEU A 102 -1.68 3.40 7.84
CA LEU A 102 -0.42 3.92 8.40
C LEU A 102 0.41 4.40 7.29
N PHE A 103 1.22 5.42 7.52
CA PHE A 103 2.21 5.77 6.49
C PHE A 103 3.46 6.31 7.18
N THR A 104 4.55 6.38 6.45
CA THR A 104 5.81 6.94 6.95
C THR A 104 5.95 8.43 6.58
N GLN A 105 4.87 9.01 6.04
CA GLN A 105 4.80 10.46 5.75
C GLN A 105 5.28 11.26 6.98
N GLY A 106 6.29 12.12 6.79
CA GLY A 106 6.82 12.97 7.85
C GLY A 106 7.84 12.28 8.74
N LEU A 107 8.07 11.00 8.49
CA LEU A 107 9.08 10.26 9.28
C LEU A 107 10.15 9.66 8.41
N ALA A 108 9.80 9.00 7.31
CA ALA A 108 10.89 8.42 6.48
C ALA A 108 10.38 8.41 5.05
N ASP A 109 11.30 8.57 4.13
CA ASP A 109 10.94 8.53 2.69
C ASP A 109 12.25 8.23 1.97
N TRP A 110 12.11 7.91 0.68
CA TRP A 110 13.26 7.41 -0.10
C TRP A 110 13.10 7.93 -1.50
N GLN A 111 14.22 8.30 -2.08
CA GLN A 111 14.33 8.47 -3.54
C GLN A 111 15.23 7.36 -4.08
N TYR A 112 14.57 6.46 -4.79
CA TYR A 112 15.06 5.18 -5.32
C TYR A 112 15.23 4.20 -4.16
N GLY A 113 15.29 2.93 -4.55
CA GLY A 113 15.57 1.88 -3.57
C GLY A 113 14.85 0.64 -3.89
N TYR A 114 15.18 -0.38 -3.10
CA TYR A 114 14.52 -1.68 -3.17
C TYR A 114 13.68 -1.80 -1.93
N VAL A 115 12.41 -2.00 -2.10
CA VAL A 115 11.47 -2.07 -0.95
C VAL A 115 10.94 -3.50 -0.93
N GLU A 116 11.05 -4.16 0.20
CA GLU A 116 10.53 -5.53 0.35
C GLU A 116 9.57 -5.57 1.55
N VAL A 117 8.34 -6.00 1.28
CA VAL A 117 7.34 -6.09 2.35
C VAL A 117 6.85 -7.53 2.37
N ARG A 118 6.99 -8.20 3.51
CA ARG A 118 6.57 -9.60 3.64
C ARG A 118 5.22 -9.57 4.36
N ALA A 119 4.16 -10.03 3.70
CA ALA A 119 2.78 -9.79 4.19
C ALA A 119 1.91 -10.99 3.82
N LYS A 120 0.90 -11.17 4.67
CA LYS A 120 -0.22 -12.07 4.49
C LYS A 120 -1.40 -11.10 4.36
N LEU A 121 -2.18 -11.23 3.31
CA LEU A 121 -3.21 -10.21 2.97
C LEU A 121 -4.55 -10.50 3.63
N ALA A 122 -5.40 -9.49 3.63
CA ALA A 122 -6.77 -9.51 4.16
C ALA A 122 -7.76 -9.96 3.08
N CYS A 123 -8.50 -11.02 3.32
CA CYS A 123 -9.47 -11.57 2.35
C CYS A 123 -10.90 -11.25 2.73
N GLY A 124 -11.81 -11.65 1.87
CA GLY A 124 -13.25 -11.41 1.96
C GLY A 124 -13.68 -10.37 0.93
N LYS A 125 -14.73 -10.66 0.19
CA LYS A 125 -15.31 -9.69 -0.74
C LYS A 125 -15.50 -8.35 -0.03
N GLY A 126 -14.91 -7.31 -0.62
CA GLY A 126 -14.94 -5.96 -0.07
C GLY A 126 -13.57 -5.50 0.28
N MET A 127 -12.70 -6.42 0.71
CA MET A 127 -11.37 -6.02 1.22
C MET A 127 -10.41 -5.64 0.09
N TRP A 128 -9.64 -4.61 0.37
CA TRP A 128 -8.70 -3.97 -0.58
C TRP A 128 -7.45 -3.61 0.17
N PRO A 129 -6.66 -4.64 0.54
CA PRO A 129 -5.35 -4.38 1.12
C PRO A 129 -4.39 -3.75 0.12
N ALA A 130 -3.52 -2.88 0.59
CA ALA A 130 -2.58 -2.13 -0.26
C ALA A 130 -1.31 -1.84 0.50
N ILE A 131 -0.22 -1.89 -0.26
CA ILE A 131 1.13 -1.53 0.16
C ILE A 131 1.60 -0.58 -0.92
N TRP A 132 1.73 0.70 -0.64
CA TRP A 132 1.97 1.66 -1.72
C TRP A 132 2.73 2.86 -1.19
N MET A 133 2.99 3.75 -2.13
CA MET A 133 3.82 4.95 -1.89
C MET A 133 3.20 6.13 -2.59
N MET A 134 3.45 7.26 -1.99
CA MET A 134 3.17 8.55 -2.62
CA MET A 134 3.17 8.55 -2.62
C MET A 134 4.35 9.48 -2.37
N ALA A 135 4.52 10.45 -3.26
CA ALA A 135 5.62 11.42 -3.15
C ALA A 135 5.44 12.28 -1.91
N SER A 136 6.53 12.53 -1.18
CA SER A 136 6.58 13.45 -0.02
C SER A 136 6.21 14.86 -0.45
N ASP A 137 6.66 15.30 -1.63
CA ASP A 137 6.30 16.63 -2.14
C ASP A 137 5.04 16.45 -2.97
N GLY A 138 3.91 16.79 -2.38
CA GLY A 138 2.61 16.63 -3.02
C GLY A 138 2.14 17.93 -3.67
N SER A 139 3.03 18.88 -3.92
CA SER A 139 2.65 20.22 -4.46
C SER A 139 1.88 20.07 -5.78
N THR A 140 2.18 19.08 -6.62
CA THR A 140 1.47 18.92 -7.92
C THR A 140 0.11 18.23 -7.76
N GLY A 141 -0.21 17.76 -6.58
CA GLY A 141 -1.50 17.12 -6.30
C GLY A 141 -1.46 15.70 -6.81
N TRP A 142 -2.47 14.94 -6.40
CA TRP A 142 -2.74 13.61 -6.96
C TRP A 142 -3.57 13.79 -8.20
N PRO A 143 -3.25 13.13 -9.34
CA PRO A 143 -2.18 12.14 -9.49
C PRO A 143 -0.78 12.55 -9.93
N ALA A 144 -0.56 13.83 -10.17
CA ALA A 144 0.70 14.31 -10.77
C ALA A 144 1.88 13.98 -9.87
N LEU A 145 1.69 13.83 -8.54
CA LEU A 145 2.86 13.79 -7.67
C LEU A 145 3.55 12.44 -7.88
N GLY A 146 2.85 11.42 -8.36
CA GLY A 146 3.46 10.08 -8.47
C GLY A 146 3.12 9.17 -7.30
N SER A 147 2.55 8.05 -7.63
CA SER A 147 2.14 7.02 -6.62
CA SER A 147 2.26 7.03 -6.58
C SER A 147 2.63 5.64 -7.10
N ILE A 148 3.03 4.79 -6.17
CA ILE A 148 3.56 3.46 -6.52
C ILE A 148 2.79 2.44 -5.72
N ASP A 149 2.02 1.62 -6.39
CA ASP A 149 1.30 0.52 -5.73
C ASP A 149 2.15 -0.73 -5.82
N ILE A 150 2.94 -1.00 -4.79
CA ILE A 150 3.75 -2.23 -4.74
C ILE A 150 2.84 -3.46 -4.72
N MET A 151 1.71 -3.37 -4.02
CA MET A 151 0.77 -4.49 -3.90
C MET A 151 -0.62 -3.92 -3.68
N GLU A 152 -1.54 -4.22 -4.58
CA GLU A 152 -2.97 -4.17 -4.24
C GLU A 152 -3.56 -5.51 -4.51
N MET A 153 -4.50 -5.89 -3.70
CA MET A 153 -5.35 -7.05 -3.99
C MET A 153 -6.78 -6.65 -3.63
N VAL A 154 -7.72 -7.08 -4.45
CA VAL A 154 -9.16 -6.86 -4.20
C VAL A 154 -9.76 -8.25 -4.06
N ALA A 155 -10.37 -8.50 -2.92
CA ALA A 155 -10.51 -9.86 -2.38
C ALA A 155 -11.74 -10.56 -3.01
N TRP A 156 -12.43 -9.91 -3.98
CA TRP A 156 -13.27 -10.69 -4.92
C TRP A 156 -12.41 -11.52 -5.87
N ASP A 157 -11.14 -11.13 -6.00
CA ASP A 157 -10.15 -11.84 -6.84
C ASP A 157 -8.87 -12.02 -6.02
N PRO A 158 -8.94 -12.80 -4.90
CA PRO A 158 -7.96 -12.74 -3.80
C PRO A 158 -6.61 -13.39 -4.11
N THR A 159 -6.51 -14.06 -5.26
CA THR A 159 -5.20 -14.64 -5.65
C THR A 159 -4.46 -13.68 -6.57
N THR A 160 -5.08 -12.59 -6.98
CA THR A 160 -4.49 -11.71 -8.00
C THR A 160 -3.82 -10.55 -7.32
N ILE A 161 -2.54 -10.41 -7.57
CA ILE A 161 -1.73 -9.31 -7.04
C ILE A 161 -1.55 -8.31 -8.16
N HIS A 162 -1.82 -7.04 -7.83
CA HIS A 162 -1.75 -5.93 -8.79
C HIS A 162 -0.60 -5.04 -8.43
N GLY A 163 0.11 -4.64 -9.44
CA GLY A 163 1.26 -3.76 -9.28
C GLY A 163 1.10 -2.59 -10.23
N THR A 164 1.06 -1.35 -9.73
CA THR A 164 0.67 -0.23 -10.64
C THR A 164 1.45 1.03 -10.26
N ILE A 165 1.67 1.90 -11.23
CA ILE A 165 2.10 3.28 -10.93
C ILE A 165 1.09 4.23 -11.53
N HIS A 166 1.02 5.41 -10.91
CA HIS A 166 0.13 6.50 -11.35
C HIS A 166 0.95 7.77 -11.44
N THR A 167 0.76 8.47 -12.53
CA THR A 167 1.39 9.78 -12.80
C THR A 167 0.32 10.68 -13.39
N LYS A 168 0.69 11.91 -13.70
CA LYS A 168 -0.26 12.84 -14.34
C LYS A 168 -0.74 12.20 -15.66
N ALA A 169 0.17 11.66 -16.46
CA ALA A 169 -0.22 11.13 -17.78
C ALA A 169 -0.85 9.75 -17.63
N TYR A 170 -0.41 9.00 -16.62
CA TYR A 170 -0.74 7.57 -16.52
C TYR A 170 -1.44 7.29 -15.20
N ASN A 171 -2.78 7.27 -15.20
CA ASN A 171 -3.50 7.09 -13.94
C ASN A 171 -4.89 6.55 -14.18
N HIS A 172 -5.48 6.05 -13.10
CA HIS A 172 -6.72 5.26 -13.27
C HIS A 172 -7.89 6.16 -13.62
N VAL A 173 -7.84 7.45 -13.33
CA VAL A 173 -9.05 8.29 -13.53
C VAL A 173 -9.33 8.38 -15.01
N ILE A 174 -8.26 8.43 -15.78
CA ILE A 174 -8.33 8.57 -17.25
C ILE A 174 -7.93 7.23 -17.89
N HIS A 175 -7.92 6.13 -17.12
CA HIS A 175 -7.66 4.74 -17.62
C HIS A 175 -6.32 4.65 -18.34
N THR A 176 -5.28 5.32 -17.86
CA THR A 176 -3.92 5.21 -18.47
C THR A 176 -2.90 4.74 -17.45
N GLN A 177 -3.36 4.25 -16.31
CA GLN A 177 -2.40 3.73 -15.32
C GLN A 177 -1.49 2.66 -15.94
N LYS A 178 -0.27 2.59 -15.42
CA LYS A 178 0.77 1.62 -15.87
C LYS A 178 0.81 0.52 -14.84
N GLY A 179 0.32 -0.64 -15.22
CA GLY A 179 0.22 -1.71 -14.23
C GLY A 179 0.27 -3.08 -14.86
N SER A 180 0.36 -4.04 -13.97
CA SER A 180 0.36 -5.45 -14.36
C SER A 180 -0.20 -6.25 -13.21
N ARG A 181 -0.22 -7.55 -13.36
CA ARG A 181 -0.76 -8.40 -12.30
C ARG A 181 -0.11 -9.77 -12.43
N THR A 182 -0.21 -10.50 -11.34
CA THR A 182 0.16 -11.91 -11.29
C THR A 182 -0.77 -12.55 -10.27
N THR A 183 -0.59 -13.84 -10.01
CA THR A 183 -1.33 -14.54 -8.95
C THR A 183 -0.30 -15.18 -8.01
N ALA A 184 -0.76 -15.43 -6.80
CA ALA A 184 0.06 -16.04 -5.74
C ALA A 184 -0.79 -17.04 -4.99
N ALA A 185 -0.19 -18.08 -4.44
CA ALA A 185 -0.87 -19.11 -3.64
C ALA A 185 -1.41 -18.49 -2.36
N ASP A 186 -2.70 -18.63 -2.13
CA ASP A 186 -3.33 -18.36 -0.81
C ASP A 186 -2.75 -17.12 -0.11
N PRO A 187 -2.85 -15.93 -0.73
CA PRO A 187 -2.15 -14.75 -0.24
C PRO A 187 -2.63 -14.29 1.14
N CYS A 188 -3.82 -14.74 1.54
CA CYS A 188 -4.39 -14.36 2.84
C CYS A 188 -4.00 -15.37 3.89
N GLY A 189 -3.49 -16.53 3.50
CA GLY A 189 -3.20 -17.63 4.39
C GLY A 189 -1.70 -17.88 4.51
N GLN A 190 -0.89 -17.21 3.72
CA GLN A 190 0.55 -17.46 3.78
C GLN A 190 1.23 -16.16 3.39
N PHE A 191 2.45 -16.00 3.89
CA PHE A 191 3.22 -14.81 3.55
C PHE A 191 3.82 -14.95 2.16
N HIS A 192 3.85 -13.81 1.54
CA HIS A 192 4.66 -13.58 0.30
C HIS A 192 5.47 -12.30 0.44
N THR A 193 6.51 -12.15 -0.36
CA THR A 193 7.24 -10.87 -0.38
C THR A 193 6.80 -10.05 -1.58
N TYR A 194 6.41 -8.83 -1.34
CA TYR A 194 5.96 -7.87 -2.35
C TYR A 194 7.15 -6.92 -2.45
N SER A 195 7.64 -6.65 -3.65
CA SER A 195 8.91 -5.93 -3.79
C SER A 195 8.83 -4.89 -4.92
N LEU A 196 9.49 -3.81 -4.62
CA LEU A 196 9.73 -2.72 -5.60
C LEU A 196 11.23 -2.55 -5.80
N ASP A 197 11.66 -2.43 -7.05
CA ASP A 197 13.03 -2.08 -7.37
C ASP A 197 12.93 -0.81 -8.18
N TRP A 198 13.23 0.32 -7.55
CA TRP A 198 13.08 1.65 -8.14
C TRP A 198 14.45 2.22 -8.35
N THR A 199 14.79 2.48 -9.60
CA THR A 199 15.99 3.27 -9.89
C THR A 199 15.62 4.44 -10.76
N LYS A 200 16.59 5.26 -11.08
CA LYS A 200 16.41 6.41 -11.99
C LYS A 200 15.98 5.90 -13.38
N ASP A 201 16.19 4.62 -13.69
CA ASP A 201 15.88 4.13 -15.06
C ASP A 201 14.51 3.47 -15.09
N ARG A 202 14.07 2.85 -14.03
CA ARG A 202 12.86 2.00 -14.17
C ARG A 202 12.44 1.50 -12.81
N MET A 203 11.17 1.15 -12.73
CA MET A 203 10.65 0.39 -11.60
C MET A 203 10.33 -1.04 -12.03
N LEU A 204 10.62 -1.97 -11.15
CA LEU A 204 10.07 -3.33 -11.21
C LEU A 204 9.22 -3.53 -9.96
N ILE A 205 8.07 -4.13 -10.16
CA ILE A 205 7.25 -4.57 -9.04
C ILE A 205 6.99 -6.06 -9.16
N GLY A 206 7.16 -6.74 -8.05
CA GLY A 206 7.22 -8.19 -8.08
C GLY A 206 6.61 -8.81 -6.86
N VAL A 207 6.57 -10.14 -6.93
CA VAL A 207 6.19 -11.02 -5.83
C VAL A 207 7.23 -12.11 -5.78
N ASP A 208 7.68 -12.46 -4.57
CA ASP A 208 8.54 -13.65 -4.34
C ASP A 208 9.65 -13.68 -5.39
N GLY A 209 10.34 -12.57 -5.60
CA GLY A 209 11.58 -12.53 -6.39
C GLY A 209 11.35 -12.45 -7.90
N HIS A 210 10.12 -12.22 -8.34
CA HIS A 210 9.82 -12.18 -9.79
C HIS A 210 9.10 -10.88 -10.07
N ALA A 211 9.67 -10.04 -10.94
CA ALA A 211 8.99 -8.82 -11.38
C ALA A 211 7.95 -9.25 -12.41
N TYR A 212 6.72 -8.85 -12.20
CA TYR A 212 5.62 -9.07 -13.17
C TYR A 212 5.23 -7.75 -13.79
N MET A 213 5.83 -6.66 -13.29
CA MET A 213 5.48 -5.30 -13.74
C MET A 213 6.77 -4.52 -13.92
N ARG A 214 6.87 -3.79 -15.04
CA ARG A 214 8.05 -2.91 -15.29
C ARG A 214 7.49 -1.62 -15.85
N PHE A 215 8.02 -0.53 -15.35
CA PHE A 215 7.69 0.82 -15.87
C PHE A 215 9.00 1.57 -16.04
N ASP A 216 9.34 1.91 -17.27
CA ASP A 216 10.60 2.62 -17.56
C ASP A 216 10.40 4.13 -17.49
N ASN A 217 11.47 4.78 -17.06
CA ASN A 217 11.71 6.22 -17.28
C ASN A 217 12.00 6.40 -18.74
N ASP A 218 11.21 7.23 -19.40
CA ASP A 218 11.38 7.49 -20.85
C ASP A 218 12.53 8.50 -21.03
N HIS A 219 13.05 9.00 -19.91
CA HIS A 219 14.17 9.98 -19.89
C HIS A 219 13.88 11.24 -20.71
N LYS A 220 12.62 11.61 -20.87
CA LYS A 220 12.20 12.83 -21.62
C LYS A 220 12.13 14.03 -20.66
N GLY A 221 12.41 13.82 -19.39
CA GLY A 221 12.43 14.86 -18.34
C GLY A 221 11.07 15.48 -18.13
N ASN A 222 10.01 14.70 -18.34
CA ASN A 222 8.62 15.19 -18.25
C ASN A 222 8.06 14.65 -16.96
N HIS A 223 7.81 15.54 -16.00
CA HIS A 223 7.24 15.13 -14.69
C HIS A 223 5.94 14.35 -14.88
N ASP A 224 5.23 14.61 -15.94
CA ASP A 224 3.92 13.95 -16.18
C ASP A 224 4.10 12.45 -16.38
N THR A 225 5.22 12.01 -16.93
CA THR A 225 5.44 10.58 -17.27
C THR A 225 6.53 9.97 -16.42
N TRP A 226 7.29 10.77 -15.71
CA TRP A 226 8.26 10.24 -14.70
C TRP A 226 8.41 11.25 -13.59
N PRO A 227 7.51 11.17 -12.59
CA PRO A 227 7.62 12.02 -11.42
C PRO A 227 8.46 11.39 -10.32
N PHE A 228 9.27 10.41 -10.69
CA PHE A 228 9.84 9.49 -9.69
C PHE A 228 11.30 9.80 -9.49
N ASP A 229 11.70 11.06 -9.57
CA ASP A 229 13.08 11.47 -9.18
C ASP A 229 12.96 12.38 -7.97
N SER A 230 12.12 11.95 -7.02
CA SER A 230 11.98 12.61 -5.72
CA SER A 230 11.76 12.66 -5.78
C SER A 230 11.43 11.60 -4.73
N PRO A 231 11.60 11.87 -3.42
CA PRO A 231 11.33 10.86 -2.42
C PRO A 231 9.84 10.49 -2.30
N GLN A 232 9.62 9.23 -1.99
CA GLN A 232 8.27 8.66 -1.73
C GLN A 232 8.24 8.10 -0.31
N TYR A 233 7.10 8.20 0.35
CA TYR A 233 6.85 7.53 1.64
C TYR A 233 5.95 6.34 1.38
N LEU A 234 5.89 5.49 2.38
CA LEU A 234 5.25 4.17 2.32
C LEU A 234 3.94 4.27 3.09
N ILE A 235 2.97 3.55 2.56
CA ILE A 235 1.59 3.50 3.07
C ILE A 235 1.18 2.04 3.17
N LEU A 236 0.52 1.68 4.25
CA LEU A 236 -0.08 0.36 4.44
C LEU A 236 -1.50 0.54 4.87
N ASN A 237 -2.45 -0.09 4.22
CA ASN A 237 -3.83 0.07 4.65
C ASN A 237 -4.65 -1.12 4.20
N VAL A 238 -5.83 -1.25 4.75
CA VAL A 238 -6.80 -2.13 4.11
C VAL A 238 -8.04 -1.27 3.87
N ALA A 239 -8.31 -0.94 2.61
CA ALA A 239 -9.56 -0.29 2.26
C ALA A 239 -10.69 -1.33 2.18
N ILE A 240 -11.88 -0.79 2.18
CA ILE A 240 -13.12 -1.60 2.06
C ILE A 240 -14.03 -0.95 1.04
N GLY A 241 -14.59 -1.75 0.14
CA GLY A 241 -15.37 -1.20 -0.97
C GLY A 241 -14.51 -0.67 -2.08
N GLY A 242 -15.07 0.27 -2.79
CA GLY A 242 -14.57 0.71 -4.09
C GLY A 242 -14.17 -0.51 -4.89
N TRP A 243 -12.94 -0.54 -5.36
CA TRP A 243 -12.48 -1.66 -6.22
C TRP A 243 -12.67 -2.98 -5.46
N GLY A 244 -12.45 -2.96 -4.14
CA GLY A 244 -12.59 -4.20 -3.36
C GLY A 244 -14.04 -4.68 -3.29
N GLY A 245 -15.02 -3.80 -3.53
CA GLY A 245 -16.45 -4.04 -3.37
C GLY A 245 -17.16 -4.37 -4.66
N GLN A 246 -16.42 -4.68 -5.73
CA GLN A 246 -17.08 -4.95 -7.04
C GLN A 246 -18.09 -6.08 -6.96
N GLN A 247 -17.83 -7.08 -6.10
CA GLN A 247 -18.79 -8.20 -5.91
C GLN A 247 -19.42 -8.15 -4.53
N GLY A 248 -19.54 -6.94 -4.00
CA GLY A 248 -20.16 -6.66 -2.69
C GLY A 248 -19.19 -6.83 -1.55
N VAL A 249 -19.70 -6.46 -0.37
CA VAL A 249 -18.95 -6.51 0.89
C VAL A 249 -19.60 -7.62 1.73
N ASP A 250 -18.88 -8.70 1.93
CA ASP A 250 -19.34 -9.93 2.60
C ASP A 250 -19.22 -9.70 4.10
N ALA A 251 -20.34 -9.54 4.76
CA ALA A 251 -20.38 -9.38 6.22
C ALA A 251 -19.73 -10.58 6.91
N ALA A 252 -19.80 -11.77 6.35
CA ALA A 252 -19.20 -12.97 6.99
C ALA A 252 -17.67 -12.92 7.00
N ALA A 253 -17.05 -12.09 6.20
CA ALA A 253 -15.58 -12.10 6.11
C ALA A 253 -14.97 -11.30 7.26
N PHE A 254 -15.76 -10.55 8.01
CA PHE A 254 -15.15 -9.65 9.04
C PHE A 254 -15.09 -10.39 10.36
N PRO A 255 -14.07 -10.16 11.20
CA PRO A 255 -12.96 -9.28 10.86
C PRO A 255 -11.92 -9.92 9.96
N SER A 256 -11.28 -9.12 9.14
CA SER A 256 -10.26 -9.61 8.21
C SER A 256 -8.97 -8.84 8.47
N LYS A 257 -7.82 -9.49 8.34
CA LYS A 257 -6.58 -8.78 8.68
C LYS A 257 -5.49 -9.00 7.67
N MET A 258 -4.73 -7.94 7.49
CA MET A 258 -3.42 -8.04 6.79
C MET A 258 -2.33 -8.11 7.86
N GLU A 259 -1.42 -9.06 7.72
CA GLU A 259 -0.29 -9.14 8.64
C GLU A 259 0.96 -8.87 7.88
N VAL A 260 1.76 -7.98 8.42
CA VAL A 260 2.99 -7.56 7.77
C VAL A 260 4.16 -7.94 8.68
N ASP A 261 4.98 -8.85 8.20
CA ASP A 261 6.10 -9.37 9.00
C ASP A 261 7.20 -8.31 9.06
N TYR A 262 7.43 -7.65 7.94
CA TYR A 262 8.43 -6.57 7.92
C TYR A 262 8.27 -5.70 6.69
N VAL A 263 8.82 -4.52 6.83
CA VAL A 263 9.09 -3.61 5.72
C VAL A 263 10.59 -3.34 5.73
N ARG A 264 11.29 -3.58 4.65
CA ARG A 264 12.73 -3.33 4.60
C ARG A 264 12.97 -2.50 3.38
N VAL A 265 13.69 -1.40 3.56
CA VAL A 265 14.11 -0.51 2.44
C VAL A 265 15.62 -0.55 2.31
N TYR A 266 16.04 -0.71 1.07
CA TYR A 266 17.48 -0.78 0.73
C TYR A 266 17.81 0.30 -0.29
N GLN A 267 19.03 0.84 -0.25
CA GLN A 267 19.46 1.87 -1.21
C GLN A 267 20.93 1.67 -1.48
N LYS A 268 21.38 2.13 -2.66
CA LYS A 268 22.79 2.10 -3.14
C LYS A 268 23.67 2.42 -1.95
N ARG A 269 24.61 1.52 -1.64
CA ARG A 269 25.60 1.74 -0.58
C ARG A 269 26.59 2.76 -1.13
#